data_4XJ3
#
_entry.id   4XJ3
#
_cell.length_a   118.780
_cell.length_b   49.850
_cell.length_c   72.860
_cell.angle_alpha   90.00
_cell.angle_beta   93.48
_cell.angle_gamma   90.00
#
_symmetry.space_group_name_H-M   'C 1 2 1'
#
loop_
_entity.id
_entity.type
_entity.pdbx_description
1 polymer 'Cyclic AMP-GMP synthase'
2 non-polymer 'MAGNESIUM ION'
3 non-polymer 1,2-ETHANEDIOL
4 non-polymer "GUANOSINE-5'-TRIPHOSPHATE"
5 water water
#
_entity_poly.entity_id   1
_entity_poly.type   'polypeptide(L)'
_entity_poly.pdbx_seq_one_letter_code
;MRMTWNFHQYYTNRNDGLMGKLVLTDEEKNNLKALRKIIRLRTRDVFEEAKGIAKAVKKSALTFEIIQEKVSTTQIKHLS
DSEQREVAKLIYEMDDDARDEFLGLTPRFWTQGSFQYDTLNRPFQPGQEMDIDDGTYMPMPIFESEPKIGHSLLILLVDA
SLKSLVAENHGWKFEAKQTCGRIKIEAEKTHIDVPMYAIPKDEFQKKQIALEANRGSGSENVNLALREGDRKWINSDPKI
VEDWFNDSCIRIGKHLRKVCRFMKAWRDAQWDVGGPSSISLMAATVNILDSVAHDASDLGETMKIIAKHLPSEFARGVES
PDSTDEKPLFPPSYKHGPREMDIMSKLERLPEILSSAESADSKSEALKKINMAFGNRVTNSELIVLAKA
;
_entity_poly.pdbx_strand_id   A
#
# COMPACT_ATOMS: atom_id res chain seq x y z
N ARG A 2 21.37 -28.25 -22.51
CA ARG A 2 22.57 -27.43 -22.53
C ARG A 2 22.93 -26.95 -21.13
N MET A 3 24.12 -26.38 -20.98
CA MET A 3 24.55 -25.83 -19.70
C MET A 3 23.84 -24.51 -19.45
N THR A 4 23.51 -24.24 -18.19
CA THR A 4 22.76 -23.05 -17.88
C THR A 4 23.18 -22.56 -16.49
N TRP A 5 22.92 -21.30 -16.17
CA TRP A 5 23.10 -20.87 -14.78
C TRP A 5 21.75 -20.96 -14.09
N ASN A 6 21.76 -21.51 -12.87
CA ASN A 6 20.55 -21.61 -12.04
C ASN A 6 20.54 -20.52 -11.00
N PHE A 7 19.38 -19.88 -10.83
CA PHE A 7 19.24 -18.73 -9.93
C PHE A 7 18.29 -18.99 -8.77
N HIS A 8 17.95 -20.23 -8.51
CA HIS A 8 16.96 -20.51 -7.46
C HIS A 8 17.42 -19.96 -6.09
N GLN A 9 18.69 -20.14 -5.75
CA GLN A 9 19.20 -19.62 -4.47
C GLN A 9 19.36 -18.11 -4.55
N TYR A 10 19.76 -17.61 -5.70
CA TYR A 10 19.86 -16.16 -5.92
C TYR A 10 18.55 -15.48 -5.48
N TYR A 11 17.43 -16.09 -5.85
CA TYR A 11 16.11 -15.54 -5.52
C TYR A 11 15.68 -15.84 -4.09
N THR A 12 15.78 -17.11 -3.68
CA THR A 12 15.10 -17.55 -2.46
C THR A 12 15.93 -17.46 -1.18
N ASN A 13 17.25 -17.33 -1.31
CA ASN A 13 18.10 -17.46 -0.11
C ASN A 13 17.82 -16.34 0.89
N ARG A 14 17.53 -16.72 2.14
CA ARG A 14 17.13 -15.74 3.11
C ARG A 14 18.29 -15.16 3.91
N ASN A 15 19.50 -15.69 3.69
CA ASN A 15 20.70 -15.06 4.23
C ASN A 15 21.03 -13.83 3.40
N ASP A 16 21.40 -14.04 2.14
CA ASP A 16 21.82 -12.93 1.27
C ASP A 16 21.36 -13.06 -0.18
N GLY A 17 20.33 -13.86 -0.43
CA GLY A 17 19.65 -13.86 -1.72
C GLY A 17 18.61 -12.77 -1.76
N LEU A 18 17.80 -12.74 -2.81
CA LEU A 18 16.92 -11.60 -2.98
C LEU A 18 15.88 -11.54 -1.87
N MET A 19 15.35 -12.70 -1.47
CA MET A 19 14.43 -12.70 -0.32
C MET A 19 15.12 -12.15 0.92
N GLY A 20 16.38 -12.52 1.15
CA GLY A 20 17.12 -11.96 2.27
C GLY A 20 17.29 -10.45 2.21
N LYS A 21 17.39 -9.91 1.00
CA LYS A 21 17.56 -8.47 0.83
C LYS A 21 16.23 -7.69 0.90
N LEU A 22 15.13 -8.36 0.58
CA LEU A 22 13.84 -7.69 0.44
C LEU A 22 12.98 -7.68 1.71
N VAL A 23 13.07 -8.77 2.47
CA VAL A 23 12.22 -8.90 3.66
C VAL A 23 12.68 -7.95 4.75
N LEU A 24 11.73 -7.26 5.36
CA LEU A 24 12.07 -6.38 6.46
C LEU A 24 12.68 -7.13 7.62
N THR A 25 13.68 -6.54 8.25
CA THR A 25 14.24 -7.06 9.48
C THR A 25 13.18 -6.95 10.57
N ASP A 26 13.34 -7.70 11.66
CA ASP A 26 12.33 -7.66 12.71
C ASP A 26 12.29 -6.27 13.34
N GLU A 27 13.44 -5.60 13.36
CA GLU A 27 13.54 -4.24 13.90
C GLU A 27 12.70 -3.29 13.07
N GLU A 28 12.74 -3.44 11.76
CA GLU A 28 11.94 -2.63 10.86
C GLU A 28 10.45 -2.92 11.00
N LYS A 29 10.10 -4.21 11.09
CA LYS A 29 8.70 -4.59 11.24
C LYS A 29 8.13 -4.05 12.53
N ASN A 30 8.90 -4.17 13.61
CA ASN A 30 8.48 -3.64 14.90
C ASN A 30 8.36 -2.12 14.88
N ASN A 31 9.27 -1.46 14.19
CA ASN A 31 9.17 0.00 14.05
C ASN A 31 7.87 0.41 13.36
N LEU A 32 7.47 -0.34 12.33
CA LEU A 32 6.21 -0.05 11.65
C LEU A 32 4.99 -0.30 12.55
N LYS A 33 5.04 -1.37 13.34
CA LYS A 33 3.93 -1.65 14.24
C LYS A 33 3.86 -0.57 15.32
N ALA A 34 5.02 -0.05 15.72
CA ALA A 34 5.06 1.02 16.73
C ALA A 34 4.46 2.31 16.19
N LEU A 35 4.83 2.64 14.95
CA LEU A 35 4.29 3.82 14.27
C LEU A 35 2.78 3.70 14.14
N ARG A 36 2.32 2.51 13.75
CA ARG A 36 0.90 2.24 13.61
C ARG A 36 0.17 2.47 14.93
N LYS A 37 0.78 1.99 16.03
CA LYS A 37 0.16 2.13 17.35
C LYS A 37 0.05 3.60 17.75
N ILE A 38 1.07 4.38 17.43
CA ILE A 38 1.06 5.82 17.73
C ILE A 38 -0.10 6.53 17.04
N ILE A 39 -0.32 6.18 15.77
CA ILE A 39 -1.38 6.81 14.99
C ILE A 39 -2.74 6.39 15.53
N ARG A 40 -2.92 5.10 15.78
CA ARG A 40 -4.19 4.60 16.28
C ARG A 40 -4.56 5.21 17.62
N LEU A 41 -3.60 5.31 18.53
CA LEU A 41 -3.87 5.90 19.84
C LEU A 41 -4.25 7.38 19.74
N ARG A 42 -3.54 8.12 18.91
CA ARG A 42 -3.83 9.54 18.76
C ARG A 42 -5.19 9.76 18.11
N THR A 43 -5.53 8.91 17.16
CA THR A 43 -6.80 9.05 16.46
C THR A 43 -7.95 8.73 17.41
N ARG A 44 -7.78 7.68 18.21
CA ARG A 44 -8.75 7.38 19.24
C ARG A 44 -8.92 8.58 20.17
N ASP A 45 -7.81 9.17 20.58
CA ASP A 45 -7.85 10.26 21.56
C ASP A 45 -8.55 11.48 20.99
N VAL A 46 -8.26 11.80 19.74
CA VAL A 46 -8.85 12.98 19.12
C VAL A 46 -10.37 12.84 19.06
N PHE A 47 -10.85 11.65 18.74
CA PHE A 47 -12.28 11.43 18.68
C PHE A 47 -12.91 11.49 20.06
N GLU A 48 -12.20 11.01 21.07
CA GLU A 48 -12.70 11.13 22.43
C GLU A 48 -12.77 12.59 22.85
N GLU A 49 -11.80 13.39 22.40
CA GLU A 49 -11.78 14.81 22.75
C GLU A 49 -12.94 15.56 22.10
N ALA A 50 -13.22 15.21 20.85
CA ALA A 50 -14.33 15.82 20.11
C ALA A 50 -15.65 15.38 20.71
N LYS A 51 -15.73 14.10 21.07
CA LYS A 51 -16.94 13.56 21.66
C LYS A 51 -17.23 14.18 23.02
N GLY A 52 -16.17 14.52 23.75
CA GLY A 52 -16.31 15.20 25.03
C GLY A 52 -17.00 16.55 24.85
N ILE A 53 -16.63 17.26 23.79
CA ILE A 53 -17.26 18.54 23.50
C ILE A 53 -18.73 18.35 23.15
N ALA A 54 -19.00 17.37 22.28
CA ALA A 54 -20.37 17.05 21.90
C ALA A 54 -21.22 16.64 23.11
N LYS A 55 -20.59 15.94 24.05
CA LYS A 55 -21.27 15.55 25.28
C LYS A 55 -21.69 16.78 26.07
N ALA A 56 -20.80 17.76 26.14
CA ALA A 56 -21.07 19.00 26.85
C ALA A 56 -22.22 19.74 26.19
N VAL A 57 -22.27 19.72 24.87
CA VAL A 57 -23.34 20.40 24.16
C VAL A 57 -24.67 19.65 24.26
N LYS A 58 -24.62 18.33 24.42
CA LYS A 58 -25.84 17.57 24.67
C LYS A 58 -26.44 17.99 26.02
N LYS A 59 -25.58 18.24 26.99
CA LYS A 59 -26.01 18.61 28.34
C LYS A 59 -26.56 20.03 28.38
N SER A 60 -25.96 20.93 27.61
CA SER A 60 -26.37 22.34 27.59
C SER A 60 -26.01 22.97 26.25
N ALA A 61 -26.91 23.73 25.67
CA ALA A 61 -26.72 24.28 24.33
C ALA A 61 -25.72 25.44 24.32
N LEU A 62 -24.43 25.09 24.41
CA LEU A 62 -23.36 26.07 24.53
C LEU A 62 -23.27 27.02 23.34
N THR A 63 -22.79 28.23 23.59
CA THR A 63 -22.54 29.18 22.52
C THR A 63 -21.44 28.69 21.58
N PHE A 64 -21.43 29.23 20.37
CA PHE A 64 -20.41 28.90 19.40
C PHE A 64 -19.04 29.28 19.94
N GLU A 65 -18.96 30.43 20.61
CA GLU A 65 -17.68 30.90 21.13
C GLU A 65 -17.12 29.94 22.18
N ILE A 66 -17.99 29.38 23.01
CA ILE A 66 -17.56 28.47 24.07
C ILE A 66 -17.11 27.14 23.46
N ILE A 67 -17.83 26.68 22.45
CA ILE A 67 -17.46 25.45 21.72
C ILE A 67 -16.11 25.64 21.05
N GLN A 68 -15.90 26.83 20.46
CA GLN A 68 -14.61 27.16 19.87
C GLN A 68 -13.49 27.07 20.88
N GLU A 69 -13.70 27.70 22.04
CA GLU A 69 -12.74 27.67 23.13
C GLU A 69 -12.39 26.23 23.49
N LYS A 70 -13.41 25.39 23.59
CA LYS A 70 -13.20 23.99 23.96
C LYS A 70 -12.37 23.27 22.89
N VAL A 71 -12.65 23.55 21.63
CA VAL A 71 -11.89 22.95 20.53
C VAL A 71 -10.42 23.34 20.60
N SER A 72 -10.16 24.60 20.94
CA SER A 72 -8.80 25.13 20.94
C SER A 72 -7.90 24.50 22.00
N THR A 73 -8.49 23.78 22.96
CA THR A 73 -7.73 23.13 24.02
C THR A 73 -7.42 21.67 23.69
N THR A 74 -8.02 21.17 22.62
CA THR A 74 -7.82 19.78 22.21
C THR A 74 -6.72 19.67 21.17
N GLN A 75 -6.48 18.46 20.67
CA GLN A 75 -5.50 18.27 19.61
C GLN A 75 -5.91 18.98 18.32
N ILE A 76 -7.19 19.36 18.22
CA ILE A 76 -7.69 20.00 17.01
C ILE A 76 -7.05 21.38 16.82
N LYS A 77 -6.40 21.88 17.88
CA LYS A 77 -5.64 23.13 17.79
C LYS A 77 -4.54 23.10 16.74
N HIS A 78 -4.23 21.92 16.21
CA HIS A 78 -3.19 21.82 15.20
C HIS A 78 -3.72 22.00 13.77
N LEU A 79 -5.04 22.09 13.61
CA LEU A 79 -5.59 22.45 12.31
C LEU A 79 -5.49 23.96 12.13
N SER A 80 -5.70 24.42 10.90
CA SER A 80 -5.73 25.86 10.64
C SER A 80 -6.87 26.52 11.41
N ASP A 81 -6.83 27.84 11.51
CA ASP A 81 -7.89 28.59 12.18
C ASP A 81 -9.25 28.32 11.54
N SER A 82 -9.30 28.35 10.21
CA SER A 82 -10.57 28.15 9.51
C SER A 82 -11.07 26.73 9.71
N GLU A 83 -10.15 25.77 9.76
CA GLU A 83 -10.51 24.37 10.00
C GLU A 83 -11.05 24.19 11.42
N GLN A 84 -10.44 24.89 12.38
CA GLN A 84 -10.91 24.83 13.76
C GLN A 84 -12.31 25.41 13.86
N ARG A 85 -12.51 26.52 13.16
CA ARG A 85 -13.82 27.15 13.07
C ARG A 85 -14.82 26.15 12.54
N GLU A 86 -14.43 25.42 11.49
CA GLU A 86 -15.34 24.50 10.83
C GLU A 86 -15.73 23.34 11.74
N VAL A 87 -14.76 22.80 12.47
CA VAL A 87 -15.05 21.73 13.43
C VAL A 87 -16.04 22.25 14.48
N ALA A 88 -15.76 23.42 15.05
CA ALA A 88 -16.64 23.99 16.07
C ALA A 88 -18.01 24.27 15.48
N LYS A 89 -18.02 24.69 14.22
CA LYS A 89 -19.29 24.97 13.56
C LYS A 89 -20.10 23.70 13.36
N LEU A 90 -19.44 22.60 12.98
CA LEU A 90 -20.13 21.34 12.75
C LEU A 90 -20.70 20.77 14.05
N ILE A 91 -19.94 20.86 15.15
CA ILE A 91 -20.44 20.44 16.45
C ILE A 91 -21.63 21.31 16.88
N TYR A 92 -21.51 22.62 16.67
CA TYR A 92 -22.57 23.57 16.98
C TYR A 92 -23.86 23.29 16.19
N GLU A 93 -23.70 22.85 14.95
CA GLU A 93 -24.84 22.64 14.03
C GLU A 93 -25.55 21.29 14.14
N MET A 94 -24.95 20.34 14.86
CA MET A 94 -25.55 19.03 15.04
C MET A 94 -26.90 19.09 15.71
N ASP A 95 -27.87 18.36 15.19
CA ASP A 95 -29.11 18.16 15.93
C ASP A 95 -28.91 17.01 16.90
N ASP A 96 -29.92 16.74 17.73
CA ASP A 96 -29.81 15.73 18.76
C ASP A 96 -29.45 14.35 18.22
N ASP A 97 -30.03 13.97 17.09
CA ASP A 97 -29.81 12.65 16.52
C ASP A 97 -28.37 12.50 16.04
N ALA A 98 -27.91 13.46 15.24
CA ALA A 98 -26.54 13.45 14.74
C ALA A 98 -25.54 13.43 15.89
N ARG A 99 -25.84 14.20 16.93
CA ARG A 99 -24.95 14.28 18.09
C ARG A 99 -24.93 12.96 18.86
N ASP A 100 -26.10 12.33 19.00
CA ASP A 100 -26.19 11.03 19.66
C ASP A 100 -25.41 9.98 18.89
N GLU A 101 -25.51 10.04 17.57
CA GLU A 101 -24.79 9.10 16.73
C GLU A 101 -23.28 9.31 16.91
N PHE A 102 -22.86 10.58 16.90
CA PHE A 102 -21.45 10.91 17.09
C PHE A 102 -20.96 10.43 18.45
N LEU A 103 -21.78 10.60 19.48
CA LEU A 103 -21.39 10.18 20.82
C LEU A 103 -21.22 8.67 20.93
N GLY A 104 -21.81 7.94 19.99
CA GLY A 104 -21.68 6.49 19.97
C GLY A 104 -20.61 5.97 19.05
N LEU A 105 -19.90 6.87 18.38
CA LEU A 105 -18.89 6.49 17.40
C LEU A 105 -17.51 6.29 18.02
N THR A 106 -16.97 5.09 17.85
CA THR A 106 -15.59 4.82 18.23
C THR A 106 -14.88 4.25 17.03
N PRO A 107 -13.86 4.96 16.53
CA PRO A 107 -13.14 4.49 15.34
C PRO A 107 -12.47 3.13 15.57
N ARG A 108 -12.44 2.33 14.52
CA ARG A 108 -11.74 1.05 14.53
C ARG A 108 -10.69 1.08 13.45
N PHE A 109 -9.76 0.13 13.50
CA PHE A 109 -8.61 0.18 12.60
C PHE A 109 -8.34 -1.17 11.96
N TRP A 110 -7.85 -1.13 10.73
CA TRP A 110 -7.42 -2.33 10.04
C TRP A 110 -6.36 -2.00 9.01
N THR A 111 -5.25 -2.74 9.04
CA THR A 111 -4.17 -2.52 8.10
C THR A 111 -4.46 -3.27 6.81
N GLN A 112 -4.29 -2.58 5.69
CA GLN A 112 -4.45 -3.15 4.35
C GLN A 112 -3.10 -3.12 3.66
N GLY A 113 -2.99 -3.73 2.48
CA GLY A 113 -1.76 -3.59 1.72
C GLY A 113 -0.65 -4.54 2.12
N SER A 114 0.56 -4.27 1.65
CA SER A 114 1.65 -5.24 1.73
C SER A 114 2.12 -5.54 3.15
N PHE A 115 1.86 -4.65 4.11
CA PHE A 115 2.21 -5.04 5.47
C PHE A 115 1.26 -6.12 5.95
N GLN A 116 0.00 -6.03 5.53
CA GLN A 116 -1.01 -6.99 5.98
C GLN A 116 -0.84 -8.37 5.34
N TYR A 117 -0.60 -8.41 4.04
CA TYR A 117 -0.47 -9.71 3.38
C TYR A 117 0.98 -10.06 3.03
N ASP A 118 1.92 -9.42 3.72
CA ASP A 118 3.32 -9.85 3.79
C ASP A 118 4.06 -9.87 2.44
N THR A 119 4.07 -8.72 1.77
CA THR A 119 4.85 -8.54 0.55
C THR A 119 5.62 -7.21 0.57
N LEU A 120 5.76 -6.62 1.75
CA LEU A 120 6.40 -5.31 1.84
C LEU A 120 7.90 -5.44 1.72
N ASN A 121 8.48 -4.84 0.67
CA ASN A 121 9.92 -4.89 0.45
C ASN A 121 10.67 -3.75 1.11
N ARG A 122 11.91 -4.00 1.53
CA ARG A 122 12.84 -2.94 1.85
C ARG A 122 13.00 -2.05 0.60
N PRO A 123 12.98 -0.73 0.79
CA PRO A 123 13.07 0.20 -0.36
C PRO A 123 14.47 0.18 -0.96
N PHE A 124 14.59 0.53 -2.23
CA PHE A 124 15.87 0.38 -2.92
C PHE A 124 16.57 1.71 -3.20
N GLN A 125 15.98 2.55 -4.03
CA GLN A 125 16.62 3.79 -4.45
C GLN A 125 16.40 4.89 -3.41
N PRO A 126 17.35 5.83 -3.31
CA PRO A 126 17.17 7.00 -2.43
C PRO A 126 15.88 7.73 -2.80
N GLY A 127 15.06 8.02 -1.80
CA GLY A 127 13.76 8.61 -2.06
C GLY A 127 12.61 7.64 -1.92
N GLN A 128 12.86 6.37 -2.24
CA GLN A 128 11.83 5.36 -2.11
C GLN A 128 11.58 5.00 -0.66
N GLU A 129 10.31 4.78 -0.34
CA GLU A 129 9.88 4.56 1.04
C GLU A 129 9.01 3.33 1.21
N MET A 130 9.14 2.66 2.35
CA MET A 130 8.20 1.64 2.77
C MET A 130 6.89 2.29 3.19
N ASP A 131 5.77 1.64 2.88
CA ASP A 131 4.44 2.17 3.21
C ASP A 131 3.76 1.18 4.16
N ILE A 132 3.09 1.69 5.19
CA ILE A 132 2.14 0.85 5.93
C ILE A 132 0.78 1.55 5.85
N ASP A 133 -0.22 0.80 5.41
CA ASP A 133 -1.54 1.34 5.15
C ASP A 133 -2.53 1.01 6.26
N ASP A 134 -2.74 1.93 7.20
CA ASP A 134 -3.64 1.62 8.29
C ASP A 134 -4.93 2.42 8.19
N GLY A 135 -5.99 1.72 7.82
CA GLY A 135 -7.27 2.38 7.61
C GLY A 135 -7.99 2.65 8.91
N THR A 136 -8.68 3.78 8.95
CA THR A 136 -9.53 4.11 10.09
C THR A 136 -10.99 3.91 9.68
N TYR A 137 -11.73 3.18 10.51
CA TYR A 137 -13.11 2.80 10.17
C TYR A 137 -14.12 3.44 11.11
N MET A 138 -15.12 4.10 10.53
CA MET A 138 -16.19 4.77 11.28
C MET A 138 -17.50 4.01 11.15
N PRO A 139 -17.86 3.22 12.17
CA PRO A 139 -19.12 2.48 12.11
C PRO A 139 -20.31 3.41 12.26
N MET A 140 -21.20 3.42 11.28
CA MET A 140 -22.35 4.33 11.26
C MET A 140 -23.55 3.66 10.61
N PRO A 141 -24.77 4.24 10.76
CA PRO A 141 -25.91 3.73 10.01
C PRO A 141 -25.64 3.67 8.51
N ILE A 142 -26.19 2.66 7.83
CA ILE A 142 -26.04 2.53 6.39
C ILE A 142 -26.63 3.75 5.68
N PHE A 143 -25.91 4.25 4.67
CA PHE A 143 -26.37 5.40 3.91
C PHE A 143 -26.11 5.21 2.42
N LYS A 148 -24.73 9.54 8.43
CA LYS A 148 -25.34 10.04 9.66
C LYS A 148 -24.32 10.83 10.50
N ILE A 149 -23.04 10.68 10.17
CA ILE A 149 -22.00 11.56 10.70
C ILE A 149 -21.19 12.06 9.53
N GLY A 150 -21.04 13.39 9.45
CA GLY A 150 -20.54 14.04 8.26
C GLY A 150 -19.16 13.65 7.77
N HIS A 151 -19.04 13.58 6.45
CA HIS A 151 -17.78 13.43 5.73
C HIS A 151 -16.78 14.49 6.17
N SER A 152 -17.22 15.75 6.26
CA SER A 152 -16.33 16.86 6.61
C SER A 152 -15.75 16.72 8.01
N LEU A 153 -16.60 16.45 9.00
CA LEU A 153 -16.13 16.30 10.37
C LEU A 153 -15.13 15.15 10.51
N LEU A 154 -15.46 14.00 9.91
CA LEU A 154 -14.61 12.83 10.05
C LEU A 154 -13.22 13.08 9.48
N ILE A 155 -13.15 13.70 8.30
CA ILE A 155 -11.86 14.01 7.69
C ILE A 155 -11.07 15.02 8.52
N LEU A 156 -11.76 16.03 9.04
CA LEU A 156 -11.10 17.03 9.88
C LEU A 156 -10.49 16.41 11.14
N LEU A 157 -11.20 15.45 11.72
CA LEU A 157 -10.73 14.82 12.95
C LEU A 157 -9.55 13.89 12.69
N VAL A 158 -9.59 13.16 11.59
CA VAL A 158 -8.45 12.32 11.25
C VAL A 158 -7.25 13.18 10.89
N ASP A 159 -7.47 14.23 10.10
CA ASP A 159 -6.44 15.22 9.82
C ASP A 159 -5.87 15.84 11.11
N ALA A 160 -6.75 16.13 12.06
CA ALA A 160 -6.30 16.68 13.35
C ALA A 160 -5.35 15.72 14.05
N SER A 161 -5.71 14.44 14.04
CA SER A 161 -4.86 13.43 14.65
C SER A 161 -3.47 13.38 14.01
N LEU A 162 -3.44 13.25 12.68
CA LEU A 162 -2.17 13.14 11.96
C LEU A 162 -1.35 14.41 12.05
N LYS A 163 -2.01 15.56 11.97
CA LYS A 163 -1.30 16.85 12.04
C LYS A 163 -0.76 17.11 13.44
N SER A 164 -1.47 16.65 14.47
CA SER A 164 -1.01 16.82 15.84
C SER A 164 0.25 15.99 16.11
N LEU A 165 0.32 14.81 15.48
CA LEU A 165 1.52 13.97 15.62
C LEU A 165 2.71 14.58 14.89
N VAL A 166 2.45 15.18 13.73
CA VAL A 166 3.49 15.81 12.92
C VAL A 166 4.08 17.02 13.65
N ALA A 167 3.24 17.72 14.40
CA ALA A 167 3.69 18.88 15.16
C ALA A 167 4.58 18.49 16.34
N GLU A 168 4.42 17.27 16.83
CA GLU A 168 5.15 16.81 18.01
C GLU A 168 6.43 16.05 17.67
N ASN A 169 6.57 15.65 16.41
CA ASN A 169 7.72 14.83 16.02
C ASN A 169 8.53 15.45 14.89
N HIS A 170 9.77 15.83 15.21
CA HIS A 170 10.69 16.39 14.23
C HIS A 170 10.93 15.38 13.11
N GLY A 171 10.88 15.84 11.87
CA GLY A 171 11.13 14.97 10.73
C GLY A 171 9.88 14.22 10.27
N TRP A 172 8.74 14.54 10.85
CA TRP A 172 7.47 14.03 10.35
C TRP A 172 6.80 15.10 9.50
N LYS A 173 6.18 14.70 8.41
CA LYS A 173 5.45 15.63 7.56
C LYS A 173 4.08 15.10 7.20
N PHE A 174 3.12 16.01 7.03
CA PHE A 174 1.78 15.61 6.62
C PHE A 174 1.55 15.84 5.13
N GLU A 175 0.86 14.91 4.51
CA GLU A 175 0.46 15.01 3.12
C GLU A 175 -1.00 14.62 2.99
N ALA A 176 -1.81 15.47 2.38
CA ALA A 176 -3.19 15.12 2.09
C ALA A 176 -3.25 14.46 0.72
N LYS A 177 -3.76 13.24 0.67
CA LYS A 177 -3.96 12.56 -0.61
C LYS A 177 -5.44 12.39 -0.89
N GLN A 178 -5.79 12.06 -2.13
CA GLN A 178 -7.19 11.91 -2.49
C GLN A 178 -7.86 10.82 -1.67
N THR A 179 -7.12 9.74 -1.39
CA THR A 179 -7.70 8.59 -0.73
C THR A 179 -7.19 8.36 0.70
N CYS A 180 -6.33 9.25 1.18
CA CYS A 180 -5.81 9.09 2.54
C CYS A 180 -5.12 10.32 3.09
N GLY A 181 -4.92 10.31 4.40
CA GLY A 181 -3.97 11.21 5.02
C GLY A 181 -2.66 10.44 5.14
N ARG A 182 -1.55 11.14 5.08
CA ARG A 182 -0.24 10.48 5.10
C ARG A 182 0.72 11.18 6.03
N ILE A 183 1.43 10.41 6.84
CA ILE A 183 2.56 10.94 7.58
C ILE A 183 3.85 10.40 6.97
N LYS A 184 4.71 11.30 6.52
CA LYS A 184 5.97 10.92 5.92
C LYS A 184 7.11 11.15 6.90
N ILE A 185 7.94 10.12 7.08
CA ILE A 185 9.11 10.19 7.95
C ILE A 185 10.35 9.89 7.10
N GLU A 186 10.84 10.93 6.44
CA GLU A 186 11.90 10.78 5.44
C GLU A 186 13.13 10.04 5.93
N ALA A 187 13.55 10.36 7.16
CA ALA A 187 14.77 9.79 7.72
C ALA A 187 14.64 8.29 7.98
N GLU A 188 13.41 7.82 8.12
CA GLU A 188 13.15 6.41 8.35
C GLU A 188 12.73 5.71 7.07
N LYS A 189 12.78 6.44 5.96
CA LYS A 189 12.41 5.89 4.64
C LYS A 189 11.02 5.25 4.70
N THR A 190 10.12 5.90 5.43
CA THR A 190 8.84 5.32 5.81
C THR A 190 7.73 6.36 5.68
N HIS A 191 6.57 5.94 5.19
CA HIS A 191 5.37 6.73 5.41
C HIS A 191 4.19 5.83 5.81
N ILE A 192 3.25 6.40 6.55
CA ILE A 192 2.04 5.67 6.89
C ILE A 192 0.87 6.35 6.21
N ASP A 193 0.10 5.54 5.47
CA ASP A 193 -1.10 6.02 4.78
C ASP A 193 -2.35 5.66 5.56
N VAL A 194 -3.23 6.65 5.76
CA VAL A 194 -4.43 6.44 6.55
C VAL A 194 -5.69 6.71 5.73
N PRO A 195 -6.18 5.68 5.03
CA PRO A 195 -7.49 5.82 4.38
C PRO A 195 -8.60 5.80 5.42
N MET A 196 -9.72 6.44 5.12
CA MET A 196 -10.84 6.49 6.06
C MET A 196 -12.08 5.87 5.44
N TYR A 197 -12.75 5.01 6.20
CA TYR A 197 -13.92 4.30 5.73
C TYR A 197 -15.12 4.51 6.63
N ALA A 198 -16.29 4.57 6.00
CA ALA A 198 -17.54 4.42 6.71
C ALA A 198 -18.04 2.99 6.52
N ILE A 199 -18.41 2.33 7.61
CA ILE A 199 -18.93 0.96 7.56
C ILE A 199 -20.20 0.88 8.42
N PRO A 200 -20.99 -0.19 8.27
CA PRO A 200 -22.19 -0.25 9.10
C PRO A 200 -21.86 -0.47 10.57
N LYS A 201 -22.73 -0.01 11.47
CA LYS A 201 -22.56 -0.27 12.89
C LYS A 201 -23.03 -1.68 13.21
N ASP A 202 -22.19 -2.45 13.88
CA ASP A 202 -22.54 -3.81 14.28
C ASP A 202 -21.66 -4.30 15.42
N GLY A 218 -20.63 -8.38 3.27
CA GLY A 218 -21.22 -7.05 3.39
C GLY A 218 -20.30 -5.96 2.87
N SER A 219 -19.48 -6.30 1.88
CA SER A 219 -18.51 -5.36 1.33
C SER A 219 -19.18 -4.18 0.63
N GLU A 220 -20.43 -4.35 0.24
CA GLU A 220 -21.19 -3.31 -0.45
C GLU A 220 -21.34 -2.04 0.38
N ASN A 221 -21.22 -2.17 1.70
CA ASN A 221 -21.40 -1.03 2.58
C ASN A 221 -20.11 -0.52 3.20
N VAL A 222 -18.98 -0.85 2.58
CA VAL A 222 -17.69 -0.31 2.99
C VAL A 222 -17.33 0.85 2.08
N ASN A 223 -17.42 2.07 2.61
CA ASN A 223 -17.24 3.26 1.78
C ASN A 223 -15.95 3.99 2.10
N LEU A 224 -15.07 4.07 1.12
CA LEU A 224 -13.84 4.86 1.22
C LEU A 224 -14.15 6.35 1.04
N ALA A 225 -13.65 7.17 1.96
CA ALA A 225 -13.81 8.61 1.87
C ALA A 225 -12.82 9.20 0.86
N LEU A 226 -13.32 10.04 -0.03
CA LEU A 226 -12.50 10.75 -0.98
C LEU A 226 -12.39 12.21 -0.57
N ARG A 227 -11.20 12.79 -0.73
CA ARG A 227 -10.95 14.14 -0.21
C ARG A 227 -11.53 15.26 -1.09
N GLU A 228 -11.33 15.16 -2.40
CA GLU A 228 -11.86 16.18 -3.32
C GLU A 228 -12.61 15.56 -4.50
N GLY A 229 -13.44 16.36 -5.16
CA GLY A 229 -14.11 15.91 -6.37
C GLY A 229 -15.62 15.82 -6.27
N ASP A 230 -16.24 15.25 -7.29
CA ASP A 230 -17.69 15.18 -7.37
C ASP A 230 -18.27 14.08 -6.46
N ARG A 231 -17.38 13.33 -5.80
CA ARG A 231 -17.81 12.28 -4.90
C ARG A 231 -17.13 12.36 -3.54
N LYS A 232 -17.92 12.19 -2.49
CA LYS A 232 -17.41 12.17 -1.13
C LYS A 232 -17.01 10.76 -0.71
N TRP A 233 -17.71 9.76 -1.26
CA TRP A 233 -17.48 8.37 -0.90
C TRP A 233 -17.46 7.50 -2.15
N ILE A 234 -16.72 6.40 -2.09
CA ILE A 234 -16.80 5.37 -3.12
C ILE A 234 -16.72 4.01 -2.44
N ASN A 235 -17.48 3.04 -2.95
CA ASN A 235 -17.51 1.71 -2.35
C ASN A 235 -16.30 0.90 -2.77
N SER A 236 -15.31 0.83 -1.87
CA SER A 236 -14.07 0.13 -2.16
C SER A 236 -13.57 -0.60 -0.92
N ASP A 237 -13.96 -1.85 -0.78
CA ASP A 237 -13.62 -2.63 0.41
C ASP A 237 -12.25 -3.28 0.25
N PRO A 238 -11.24 -2.84 1.03
CA PRO A 238 -9.90 -3.40 0.87
C PRO A 238 -9.85 -4.89 1.22
N LYS A 239 -10.85 -5.37 1.95
CA LYS A 239 -10.92 -6.79 2.30
C LYS A 239 -11.01 -7.65 1.05
N ILE A 240 -11.65 -7.13 0.01
CA ILE A 240 -11.80 -7.86 -1.24
C ILE A 240 -10.41 -8.21 -1.82
N VAL A 241 -9.50 -7.24 -1.82
CA VAL A 241 -8.16 -7.50 -2.34
C VAL A 241 -7.38 -8.42 -1.40
N GLU A 242 -7.51 -8.19 -0.11
CA GLU A 242 -6.81 -9.00 0.88
C GLU A 242 -7.22 -10.47 0.78
N ASP A 243 -8.53 -10.72 0.74
CA ASP A 243 -9.03 -12.09 0.62
C ASP A 243 -8.61 -12.70 -0.71
N TRP A 244 -8.75 -11.93 -1.79
CA TRP A 244 -8.33 -12.41 -3.10
C TRP A 244 -6.87 -12.85 -3.08
N PHE A 245 -6.01 -12.02 -2.50
CA PHE A 245 -4.60 -12.35 -2.55
C PHE A 245 -4.26 -13.51 -1.61
N ASN A 246 -4.80 -13.49 -0.40
CA ASN A 246 -4.52 -14.58 0.53
C ASN A 246 -4.98 -15.91 -0.05
N ASP A 247 -6.16 -15.92 -0.66
CA ASP A 247 -6.68 -17.11 -1.32
C ASP A 247 -5.78 -17.53 -2.49
N SER A 248 -5.25 -16.57 -3.22
CA SER A 248 -4.37 -16.86 -4.35
C SER A 248 -3.06 -17.52 -3.88
N CYS A 249 -2.54 -17.08 -2.75
CA CYS A 249 -1.33 -17.67 -2.18
C CYS A 249 -1.58 -19.12 -1.78
N ILE A 250 -2.74 -19.38 -1.19
CA ILE A 250 -3.12 -20.73 -0.80
C ILE A 250 -3.27 -21.62 -2.04
N ARG A 251 -3.97 -21.08 -3.05
CA ARG A 251 -4.24 -21.81 -4.28
C ARG A 251 -2.96 -22.12 -5.07
N ILE A 252 -2.13 -21.11 -5.24
CA ILE A 252 -0.95 -21.22 -6.08
C ILE A 252 0.24 -21.82 -5.32
N GLY A 253 0.49 -21.32 -4.11
CA GLY A 253 1.55 -21.89 -3.30
C GLY A 253 2.42 -20.82 -2.70
N LYS A 254 3.37 -21.25 -1.88
CA LYS A 254 4.21 -20.34 -1.12
C LYS A 254 5.14 -19.49 -1.99
N HIS A 255 5.29 -19.84 -3.27
CA HIS A 255 6.15 -19.05 -4.13
C HIS A 255 5.45 -17.79 -4.65
N LEU A 256 4.13 -17.70 -4.49
CA LEU A 256 3.44 -16.53 -5.04
C LEU A 256 3.91 -15.26 -4.33
N ARG A 257 3.98 -15.26 -3.01
CA ARG A 257 4.44 -14.05 -2.32
C ARG A 257 5.85 -13.68 -2.77
N LYS A 258 6.69 -14.70 -2.97
CA LYS A 258 8.06 -14.43 -3.37
C LYS A 258 8.13 -13.80 -4.75
N VAL A 259 7.44 -14.38 -5.74
CA VAL A 259 7.56 -13.79 -7.08
C VAL A 259 6.88 -12.42 -7.15
N CYS A 260 5.85 -12.18 -6.35
CA CYS A 260 5.31 -10.81 -6.30
C CYS A 260 6.33 -9.84 -5.70
N ARG A 261 7.02 -10.24 -4.63
CA ARG A 261 8.13 -9.44 -4.10
C ARG A 261 9.18 -9.18 -5.19
N PHE A 262 9.53 -10.21 -5.96
CA PHE A 262 10.57 -10.03 -6.96
C PHE A 262 10.15 -9.04 -8.05
N MET A 263 8.89 -9.13 -8.49
CA MET A 263 8.40 -8.23 -9.53
C MET A 263 8.34 -6.81 -9.00
N LYS A 264 7.96 -6.64 -7.75
CA LYS A 264 7.97 -5.31 -7.16
C LYS A 264 9.40 -4.77 -7.03
N ALA A 265 10.35 -5.67 -6.73
CA ALA A 265 11.75 -5.26 -6.61
C ALA A 265 12.29 -4.82 -7.98
N TRP A 266 11.93 -5.57 -9.02
CA TRP A 266 12.25 -5.15 -10.38
C TRP A 266 11.69 -3.75 -10.67
N ARG A 267 10.43 -3.53 -10.31
CA ARG A 267 9.79 -2.22 -10.53
C ARG A 267 10.58 -1.12 -9.79
N ASP A 268 10.98 -1.38 -8.55
CA ASP A 268 11.73 -0.38 -7.77
C ASP A 268 13.10 -0.10 -8.37
N ALA A 269 13.68 -1.09 -9.04
CA ALA A 269 15.01 -0.95 -9.64
C ALA A 269 14.95 -0.23 -11.00
N GLN A 270 13.87 -0.46 -11.75
CA GLN A 270 13.75 0.11 -13.09
C GLN A 270 13.31 1.56 -13.05
N TRP A 271 12.52 1.91 -12.04
CA TRP A 271 12.02 3.28 -11.90
C TRP A 271 12.27 3.85 -10.52
N ASP A 272 12.88 5.03 -10.47
CA ASP A 272 13.07 5.78 -9.25
C ASP A 272 11.69 6.18 -8.72
N VAL A 273 10.95 6.81 -9.61
CA VAL A 273 9.57 7.19 -9.38
C VAL A 273 8.78 6.61 -10.55
N GLY A 274 7.65 5.97 -10.26
CA GLY A 274 6.79 5.47 -11.31
C GLY A 274 6.88 3.98 -11.54
N GLY A 275 6.49 3.54 -12.73
CA GLY A 275 6.35 2.12 -13.03
C GLY A 275 4.95 1.64 -12.69
N PRO A 276 4.66 0.38 -13.02
CA PRO A 276 3.33 -0.21 -12.75
C PRO A 276 3.09 -0.36 -11.24
N SER A 277 1.83 -0.32 -10.86
CA SER A 277 1.45 -0.43 -9.45
C SER A 277 1.75 -1.82 -8.92
N SER A 278 1.95 -1.91 -7.62
CA SER A 278 2.15 -3.21 -7.00
C SER A 278 0.95 -4.13 -7.24
N ILE A 279 -0.25 -3.57 -7.15
CA ILE A 279 -1.42 -4.41 -7.32
C ILE A 279 -1.53 -4.91 -8.78
N SER A 280 -1.11 -4.10 -9.75
CA SER A 280 -1.19 -4.57 -11.14
C SER A 280 -0.22 -5.73 -11.36
N LEU A 281 0.94 -5.66 -10.73
CA LEU A 281 1.93 -6.74 -10.84
C LEU A 281 1.40 -8.01 -10.17
N MET A 282 0.77 -7.87 -9.01
CA MET A 282 0.19 -9.02 -8.31
C MET A 282 -0.90 -9.68 -9.16
N ALA A 283 -1.80 -8.87 -9.69
CA ALA A 283 -2.91 -9.39 -10.48
C ALA A 283 -2.43 -10.14 -11.72
N ALA A 284 -1.48 -9.55 -12.45
CA ALA A 284 -0.99 -10.16 -13.68
C ALA A 284 -0.25 -11.45 -13.35
N THR A 285 0.52 -11.41 -12.27
CA THR A 285 1.32 -12.58 -11.89
C THR A 285 0.41 -13.74 -11.47
N VAL A 286 -0.61 -13.46 -10.67
CA VAL A 286 -1.60 -14.48 -10.31
C VAL A 286 -2.26 -15.06 -11.55
N ASN A 287 -2.66 -14.20 -12.49
CA ASN A 287 -3.28 -14.70 -13.72
C ASN A 287 -2.37 -15.67 -14.44
N ILE A 288 -1.09 -15.32 -14.52
CA ILE A 288 -0.13 -16.17 -15.23
C ILE A 288 0.07 -17.49 -14.50
N LEU A 289 0.28 -17.44 -13.18
CA LEU A 289 0.56 -18.67 -12.46
C LEU A 289 -0.67 -19.57 -12.32
N ASP A 290 -1.88 -18.98 -12.44
CA ASP A 290 -3.08 -19.81 -12.45
C ASP A 290 -3.23 -20.57 -13.78
N SER A 291 -2.58 -20.08 -14.83
CA SER A 291 -2.89 -20.55 -16.17
C SER A 291 -1.70 -21.15 -16.92
N VAL A 292 -0.49 -20.97 -16.40
CA VAL A 292 0.70 -21.47 -17.08
C VAL A 292 1.49 -22.40 -16.16
N ALA A 293 1.84 -23.57 -16.70
CA ALA A 293 2.64 -24.52 -15.94
C ALA A 293 3.98 -23.91 -15.54
N HIS A 294 4.38 -24.17 -14.30
CA HIS A 294 5.65 -23.67 -13.81
C HIS A 294 6.14 -24.60 -12.70
N ASP A 295 7.24 -24.21 -12.07
CA ASP A 295 7.96 -25.12 -11.19
C ASP A 295 8.56 -24.37 -10.02
N ALA A 296 7.96 -24.55 -8.84
CA ALA A 296 8.40 -23.81 -7.67
C ALA A 296 9.77 -24.28 -7.18
N SER A 297 10.25 -25.41 -7.67
N SER A 297 10.24 -25.41 -7.68
CA SER A 297 11.58 -25.87 -7.29
CA SER A 297 11.57 -25.90 -7.32
C SER A 297 12.67 -25.15 -8.09
C SER A 297 12.66 -25.13 -8.07
N ASP A 298 12.27 -24.32 -9.05
CA ASP A 298 13.22 -23.49 -9.79
C ASP A 298 12.56 -22.13 -10.01
N LEU A 299 12.76 -21.22 -9.07
CA LEU A 299 12.12 -19.94 -9.20
C LEU A 299 12.81 -19.08 -10.24
N GLY A 300 14.00 -19.49 -10.68
CA GLY A 300 14.63 -18.83 -11.82
C GLY A 300 13.81 -19.05 -13.08
N GLU A 301 13.45 -20.31 -13.31
CA GLU A 301 12.60 -20.67 -14.44
C GLU A 301 11.21 -20.05 -14.29
N THR A 302 10.66 -20.12 -13.09
CA THR A 302 9.33 -19.57 -12.84
C THR A 302 9.32 -18.06 -13.16
N MET A 303 10.36 -17.35 -12.75
CA MET A 303 10.43 -15.91 -13.05
C MET A 303 10.57 -15.66 -14.54
N LYS A 304 11.34 -16.49 -15.24
CA LYS A 304 11.41 -16.38 -16.72
C LYS A 304 10.02 -16.58 -17.33
N ILE A 305 9.28 -17.55 -16.82
CA ILE A 305 7.95 -17.83 -17.36
C ILE A 305 7.02 -16.64 -17.11
N ILE A 306 7.06 -16.09 -15.92
CA ILE A 306 6.26 -14.92 -15.59
C ILE A 306 6.65 -13.78 -16.52
N ALA A 307 7.95 -13.51 -16.61
CA ALA A 307 8.45 -12.43 -17.45
C ALA A 307 8.03 -12.57 -18.92
N LYS A 308 8.01 -13.80 -19.43
CA LYS A 308 7.61 -14.00 -20.82
C LYS A 308 6.13 -13.62 -21.06
N HIS A 309 5.30 -13.80 -20.04
CA HIS A 309 3.86 -13.60 -20.19
C HIS A 309 3.33 -12.23 -19.73
N LEU A 310 4.11 -11.49 -18.94
CA LEU A 310 3.63 -10.18 -18.46
C LEU A 310 3.32 -9.17 -19.58
N PRO A 311 4.13 -9.11 -20.64
CA PRO A 311 3.79 -8.10 -21.65
C PRO A 311 2.39 -8.29 -22.22
N SER A 312 1.99 -9.52 -22.51
CA SER A 312 0.64 -9.74 -23.04
C SER A 312 -0.43 -9.42 -22.01
N GLU A 313 -0.18 -9.72 -20.73
CA GLU A 313 -1.14 -9.39 -19.67
C GLU A 313 -1.35 -7.89 -19.58
N PHE A 314 -0.25 -7.15 -19.66
CA PHE A 314 -0.31 -5.68 -19.52
C PHE A 314 -0.86 -5.01 -20.77
N ALA A 315 -0.52 -5.51 -21.96
CA ALA A 315 -0.99 -4.89 -23.21
C ALA A 315 -2.51 -4.91 -23.33
N ARG A 316 -3.17 -5.91 -22.77
CA ARG A 316 -4.61 -6.00 -22.93
C ARG A 316 -5.35 -5.26 -21.82
N GLY A 317 -4.60 -4.71 -20.89
CA GLY A 317 -5.18 -4.08 -19.71
C GLY A 317 -5.26 -5.12 -18.60
N VAL A 318 -4.78 -4.75 -17.42
CA VAL A 318 -4.78 -5.66 -16.27
C VAL A 318 -6.03 -5.39 -15.42
N GLU A 319 -6.94 -6.36 -15.38
CA GLU A 319 -8.19 -6.21 -14.64
C GLU A 319 -7.97 -6.28 -13.13
N SER A 320 -8.77 -5.52 -12.39
CA SER A 320 -8.70 -5.58 -10.94
C SER A 320 -9.36 -6.85 -10.41
N PRO A 321 -8.82 -7.40 -9.32
CA PRO A 321 -9.51 -8.50 -8.64
C PRO A 321 -10.81 -8.03 -7.97
N ASP A 322 -10.98 -6.72 -7.81
CA ASP A 322 -12.26 -6.16 -7.37
C ASP A 322 -13.05 -5.69 -8.59
N SER A 323 -14.08 -6.45 -8.93
CA SER A 323 -14.89 -6.19 -10.12
C SER A 323 -15.59 -4.84 -10.09
N THR A 324 -15.68 -4.21 -8.91
CA THR A 324 -16.38 -2.93 -8.81
C THR A 324 -15.45 -1.74 -9.09
N ASP A 325 -14.15 -1.99 -9.28
CA ASP A 325 -13.24 -0.90 -9.68
C ASP A 325 -13.70 -0.27 -10.99
N GLU A 326 -13.57 1.05 -11.09
CA GLU A 326 -14.10 1.77 -12.25
C GLU A 326 -13.13 1.76 -13.43
N LYS A 327 -11.86 1.45 -13.14
CA LYS A 327 -10.85 1.37 -14.18
C LYS A 327 -10.02 0.13 -13.95
N PRO A 328 -9.39 -0.40 -15.01
CA PRO A 328 -8.43 -1.49 -14.77
C PRO A 328 -7.21 -0.99 -14.02
N LEU A 329 -6.41 -1.93 -13.54
CA LEU A 329 -5.20 -1.60 -12.79
C LEU A 329 -4.10 -1.03 -13.68
N PHE A 330 -4.16 -1.34 -14.97
CA PHE A 330 -3.22 -0.85 -15.95
C PHE A 330 -3.99 -0.82 -17.26
N PRO A 331 -3.84 0.25 -18.05
CA PRO A 331 -4.72 0.43 -19.22
C PRO A 331 -4.34 -0.45 -20.40
N PRO A 332 -5.31 -0.77 -21.27
CA PRO A 332 -5.05 -1.51 -22.51
C PRO A 332 -4.20 -0.65 -23.44
N SER A 333 -3.49 -1.26 -24.38
CA SER A 333 -2.45 -0.53 -25.10
C SER A 333 -2.94 0.62 -25.98
N TYR A 334 -4.20 0.63 -26.41
CA TYR A 334 -4.67 1.74 -27.23
C TYR A 334 -4.83 3.02 -26.39
N LYS A 335 -4.73 2.90 -25.07
CA LYS A 335 -4.81 4.06 -24.18
C LYS A 335 -3.45 4.51 -23.67
N HIS A 336 -2.38 3.92 -24.20
CA HIS A 336 -1.04 4.23 -23.68
C HIS A 336 -0.47 5.56 -24.13
N GLY A 337 0.09 6.27 -23.16
CA GLY A 337 0.92 7.43 -23.42
C GLY A 337 2.35 7.06 -23.07
N PRO A 338 3.23 8.06 -22.98
CA PRO A 338 4.66 7.80 -22.79
C PRO A 338 4.96 6.90 -21.59
N ARG A 339 4.21 7.05 -20.50
CA ARG A 339 4.51 6.28 -19.30
C ARG A 339 4.16 4.80 -19.44
N GLU A 340 3.01 4.52 -20.05
CA GLU A 340 2.63 3.14 -20.26
C GLU A 340 3.54 2.52 -21.31
N MET A 341 3.94 3.30 -22.32
CA MET A 341 4.84 2.78 -23.33
C MET A 341 6.19 2.40 -22.72
N ASP A 342 6.66 3.24 -21.81
CA ASP A 342 7.90 2.96 -21.07
C ASP A 342 7.76 1.68 -20.24
N ILE A 343 6.63 1.51 -19.58
CA ILE A 343 6.40 0.29 -18.80
C ILE A 343 6.38 -0.93 -19.71
N MET A 344 5.71 -0.83 -20.87
CA MET A 344 5.73 -1.96 -21.82
C MET A 344 7.14 -2.29 -22.30
N SER A 345 7.93 -1.24 -22.55
CA SER A 345 9.31 -1.45 -23.00
C SER A 345 10.13 -2.23 -21.97
N LYS A 346 10.07 -1.80 -20.71
CA LYS A 346 10.79 -2.50 -19.65
C LYS A 346 10.26 -3.91 -19.44
N LEU A 347 8.94 -4.09 -19.53
CA LEU A 347 8.37 -5.44 -19.43
C LEU A 347 8.90 -6.34 -20.55
N GLU A 348 9.02 -5.78 -21.75
CA GLU A 348 9.47 -6.60 -22.88
C GLU A 348 10.92 -7.02 -22.72
N ARG A 349 11.71 -6.13 -22.10
CA ARG A 349 13.12 -6.37 -21.90
C ARG A 349 13.40 -7.40 -20.80
N LEU A 350 12.51 -7.50 -19.82
CA LEU A 350 12.76 -8.35 -18.65
C LEU A 350 13.03 -9.82 -19.00
N PRO A 351 12.17 -10.46 -19.81
CA PRO A 351 12.51 -11.85 -20.08
C PRO A 351 13.82 -12.00 -20.85
N GLU A 352 14.20 -10.98 -21.61
CA GLU A 352 15.47 -11.03 -22.34
C GLU A 352 16.64 -10.94 -21.36
N ILE A 353 16.47 -10.12 -20.33
CA ILE A 353 17.49 -9.99 -19.30
C ILE A 353 17.69 -11.34 -18.62
N LEU A 354 16.59 -11.96 -18.24
CA LEU A 354 16.66 -13.20 -17.49
C LEU A 354 17.27 -14.30 -18.34
N SER A 355 16.93 -14.34 -19.62
N SER A 355 16.89 -14.35 -19.61
CA SER A 355 17.51 -15.33 -20.51
CA SER A 355 17.44 -15.34 -20.54
C SER A 355 19.00 -15.10 -20.75
C SER A 355 18.94 -15.15 -20.71
N SER A 356 19.38 -13.83 -20.83
N SER A 356 19.37 -13.90 -20.84
CA SER A 356 20.78 -13.49 -21.06
CA SER A 356 20.79 -13.64 -21.08
C SER A 356 21.63 -13.90 -19.86
C SER A 356 21.62 -13.99 -19.85
N ALA A 357 21.09 -13.71 -18.67
CA ALA A 357 21.78 -14.09 -17.42
C ALA A 357 22.01 -15.62 -17.39
N GLU A 358 20.99 -16.34 -17.83
CA GLU A 358 21.01 -17.80 -17.82
C GLU A 358 22.11 -18.38 -18.72
N SER A 359 22.44 -17.66 -19.79
N SER A 359 22.43 -17.64 -19.78
CA SER A 359 23.41 -18.17 -20.75
CA SER A 359 23.39 -18.13 -20.78
C SER A 359 24.73 -17.40 -20.71
C SER A 359 24.70 -17.34 -20.75
N ALA A 360 24.95 -16.63 -19.64
CA ALA A 360 26.18 -15.84 -19.50
C ALA A 360 27.45 -16.67 -19.50
N ASP A 361 28.57 -16.03 -19.84
N ASP A 361 28.57 -16.05 -19.87
CA ASP A 361 29.82 -16.77 -20.05
CA ASP A 361 29.84 -16.75 -20.03
C ASP A 361 30.61 -16.95 -18.76
C ASP A 361 30.42 -17.21 -18.71
N SER A 362 30.05 -16.50 -17.64
CA SER A 362 30.67 -16.70 -16.33
C SER A 362 29.68 -16.42 -15.23
N LYS A 363 30.01 -16.85 -14.02
CA LYS A 363 29.18 -16.60 -12.88
C LYS A 363 29.09 -15.09 -12.59
N SER A 364 30.20 -14.39 -12.74
CA SER A 364 30.19 -12.96 -12.43
C SER A 364 29.33 -12.22 -13.44
N GLU A 365 29.40 -12.60 -14.71
CA GLU A 365 28.53 -12.00 -15.72
C GLU A 365 27.06 -12.40 -15.54
N ALA A 366 26.80 -13.62 -15.06
CA ALA A 366 25.42 -14.04 -14.77
C ALA A 366 24.82 -13.11 -13.71
N LEU A 367 25.61 -12.84 -12.67
CA LEU A 367 25.14 -11.95 -11.61
C LEU A 367 24.92 -10.53 -12.12
N LYS A 368 25.88 -10.01 -12.87
CA LYS A 368 25.78 -8.65 -13.40
C LYS A 368 24.53 -8.50 -14.24
N LYS A 369 24.28 -9.49 -15.10
CA LYS A 369 23.12 -9.42 -15.96
C LYS A 369 21.81 -9.48 -15.17
N ILE A 370 21.65 -10.44 -14.27
CA ILE A 370 20.36 -10.53 -13.59
C ILE A 370 20.15 -9.31 -12.69
N ASN A 371 21.24 -8.71 -12.23
CA ASN A 371 21.11 -7.48 -11.43
C ASN A 371 20.70 -6.28 -12.27
N MET A 372 20.72 -6.43 -13.58
CA MET A 372 20.17 -5.34 -14.40
C MET A 372 18.66 -5.36 -14.34
N ALA A 373 18.08 -6.47 -13.89
CA ALA A 373 16.65 -6.56 -13.64
C ALA A 373 16.31 -6.10 -12.23
N PHE A 374 17.01 -6.61 -11.21
CA PHE A 374 16.59 -6.38 -9.82
C PHE A 374 17.45 -5.38 -9.05
N GLY A 375 18.44 -4.80 -9.73
CA GLY A 375 19.39 -3.88 -9.09
C GLY A 375 20.54 -4.62 -8.43
N ASN A 376 21.59 -3.90 -8.03
CA ASN A 376 22.76 -4.51 -7.37
C ASN A 376 22.53 -4.68 -5.88
N ARG A 377 21.60 -5.55 -5.54
CA ARG A 377 21.28 -5.84 -4.15
C ARG A 377 21.94 -7.12 -3.71
N VAL A 378 21.73 -8.17 -4.49
CA VAL A 378 22.44 -9.43 -4.26
C VAL A 378 23.84 -9.32 -4.84
N THR A 379 24.85 -9.57 -4.02
CA THR A 379 26.23 -9.47 -4.44
C THR A 379 26.96 -10.81 -4.41
N ASN A 380 26.32 -11.83 -3.86
CA ASN A 380 26.96 -13.14 -3.63
C ASN A 380 26.76 -14.08 -4.82
N SER A 381 27.76 -14.19 -5.68
CA SER A 381 27.62 -14.99 -6.89
C SER A 381 27.62 -16.50 -6.59
N GLU A 382 27.95 -16.90 -5.35
CA GLU A 382 27.88 -18.33 -4.99
C GLU A 382 26.43 -18.84 -4.93
N LEU A 383 25.48 -17.92 -4.99
CA LEU A 383 24.07 -18.29 -5.03
C LEU A 383 23.64 -18.70 -6.43
N ILE A 384 24.52 -18.50 -7.40
CA ILE A 384 24.25 -18.88 -8.78
C ILE A 384 25.06 -20.14 -9.05
N VAL A 385 24.42 -21.18 -9.57
CA VAL A 385 25.12 -22.46 -9.75
C VAL A 385 24.97 -22.97 -11.17
N LEU A 386 26.02 -23.64 -11.64
CA LEU A 386 26.04 -24.25 -12.95
C LEU A 386 25.04 -25.40 -12.98
N ALA A 387 24.18 -25.41 -13.99
CA ALA A 387 23.11 -26.39 -14.06
C ALA A 387 22.97 -26.90 -15.48
N LYS A 388 22.04 -27.82 -15.67
CA LYS A 388 21.63 -28.24 -17.00
C LYS A 388 20.13 -28.02 -17.12
N ALA A 389 19.69 -27.63 -18.31
CA ALA A 389 18.26 -27.49 -18.56
C ALA A 389 17.93 -28.02 -19.95
#